data_9C18
#
_entry.id   9C18
#
_cell.length_a   41.940
_cell.length_b   41.977
_cell.length_c   60.212
_cell.angle_alpha   84.110
_cell.angle_beta   87.240
_cell.angle_gamma   63.660
#
_symmetry.space_group_name_H-M   'P 1'
#
loop_
_entity.id
_entity.type
_entity.pdbx_description
1 polymer 'Flavin reductase (NADPH)'
2 non-polymer 'NADP NICOTINAMIDE-ADENINE-DINUCLEOTIDE PHOSPHATE'
3 water water
#
_entity_poly.entity_id   1
_entity_poly.type   'polypeptide(L)'
_entity_poly.pdbx_seq_one_letter_code
;GSRTMAVKKIAIFGATGQTGLTTLAQAVQAGYEVTVLVRDSSRLPSEGPRPAHVVVGDVLQAADVDKTVAGQDAVIVLLG
TRNDLSPTTVMSEGARNIVAAMKAHGVDKVVACTSAFLLWDPTKVPPRLQAVTDDHIRMHKVLRESGLKYVAVMPPHIGD
QPLTGAYTVTLDGRGPSRVISKHDLGHFMLRCLTTDEYDGHSTYPSHQYQ
;
_entity_poly.pdbx_strand_id   A,B
#
loop_
_chem_comp.id
_chem_comp.type
_chem_comp.name
_chem_comp.formula
NAP non-polymer 'NADP NICOTINAMIDE-ADENINE-DINUCLEOTIDE PHOSPHATE' 'C21 H28 N7 O17 P3'
#
# COMPACT_ATOMS: atom_id res chain seq x y z
N ALA A 6 7.10 18.46 -3.63
CA ALA A 6 7.39 17.33 -2.78
C ALA A 6 8.80 16.79 -3.03
N VAL A 7 9.04 15.58 -2.54
CA VAL A 7 10.23 14.81 -2.87
C VAL A 7 10.04 14.20 -4.25
N LYS A 8 11.00 14.42 -5.15
CA LYS A 8 11.00 13.82 -6.48
C LYS A 8 12.25 12.99 -6.74
N LYS A 9 13.42 13.53 -6.38
CA LYS A 9 14.71 12.88 -6.61
C LYS A 9 15.21 12.29 -5.31
N ILE A 10 15.51 10.99 -5.32
CA ILE A 10 16.02 10.31 -4.13
C ILE A 10 17.21 9.45 -4.52
N ALA A 11 18.13 9.31 -3.56
CA ALA A 11 19.24 8.37 -3.62
C ALA A 11 18.90 7.15 -2.77
N ILE A 12 19.25 5.96 -3.26
CA ILE A 12 19.16 4.74 -2.47
C ILE A 12 20.54 4.12 -2.38
N PHE A 13 20.95 3.84 -1.16
CA PHE A 13 22.14 3.06 -0.87
C PHE A 13 21.71 1.67 -0.46
N GLY A 14 22.42 0.65 -0.96
CA GLY A 14 21.99 -0.73 -0.78
C GLY A 14 20.87 -1.16 -1.70
N ALA A 15 20.78 -0.58 -2.91
CA ALA A 15 19.66 -0.83 -3.80
C ALA A 15 19.71 -2.21 -4.46
N THR A 16 20.87 -2.86 -4.48
CA THR A 16 21.03 -4.19 -5.03
C THR A 16 20.79 -5.29 -3.99
N GLY A 17 20.55 -4.92 -2.73
CA GLY A 17 20.32 -5.87 -1.66
C GLY A 17 18.92 -6.47 -1.69
N GLN A 18 18.69 -7.35 -0.70
CA GLN A 18 17.41 -8.04 -0.58
C GLN A 18 16.24 -7.05 -0.56
N THR A 19 16.31 -6.03 0.33
CA THR A 19 15.24 -5.06 0.40
C THR A 19 15.42 -3.94 -0.62
N GLY A 20 16.65 -3.64 -1.01
CA GLY A 20 16.89 -2.56 -1.96
C GLY A 20 16.25 -2.84 -3.30
N LEU A 21 16.38 -4.07 -3.81
CA LEU A 21 15.86 -4.37 -5.14
C LEU A 21 14.37 -4.09 -5.22
N THR A 22 13.61 -4.50 -4.21
CA THR A 22 12.18 -4.23 -4.26
C THR A 22 11.85 -2.77 -3.92
N THR A 23 12.65 -2.11 -3.09
CA THR A 23 12.43 -0.68 -2.83
C THR A 23 12.68 0.14 -4.09
N LEU A 24 13.75 -0.21 -4.83
CA LEU A 24 14.07 0.44 -6.09
C LEU A 24 12.94 0.32 -7.11
N ALA A 25 12.46 -0.91 -7.33
CA ALA A 25 11.32 -1.13 -8.21
C ALA A 25 10.11 -0.31 -7.80
N GLN A 26 9.71 -0.43 -6.52
CA GLN A 26 8.56 0.32 -6.02
C GLN A 26 8.75 1.82 -6.21
N ALA A 27 9.90 2.35 -5.85
CA ALA A 27 10.12 3.79 -5.98
C ALA A 27 10.04 4.22 -7.43
N VAL A 28 10.59 3.43 -8.35
CA VAL A 28 10.53 3.82 -9.76
C VAL A 28 9.09 3.83 -10.26
N GLN A 29 8.27 2.86 -9.80
CA GLN A 29 6.87 2.84 -10.22
C GLN A 29 6.06 3.93 -9.57
N ALA A 30 6.49 4.42 -8.39
CA ALA A 30 5.82 5.53 -7.73
C ALA A 30 6.01 6.85 -8.47
N GLY A 31 7.01 6.93 -9.33
CA GLY A 31 7.32 8.15 -10.02
C GLY A 31 8.55 8.89 -9.54
N TYR A 32 9.34 8.28 -8.67
CA TYR A 32 10.55 8.93 -8.19
C TYR A 32 11.66 8.85 -9.23
N GLU A 33 12.51 9.88 -9.21
CA GLU A 33 13.75 9.90 -9.99
C GLU A 33 14.86 9.38 -9.09
N VAL A 34 15.27 8.13 -9.34
CA VAL A 34 16.09 7.38 -8.39
C VAL A 34 17.54 7.36 -8.87
N THR A 35 18.45 7.71 -7.96
CA THR A 35 19.88 7.56 -8.11
C THR A 35 20.36 6.45 -7.18
N VAL A 36 21.25 5.57 -7.66
CA VAL A 36 21.77 4.49 -6.84
C VAL A 36 23.28 4.52 -6.88
N LEU A 37 23.90 4.18 -5.75
CA LEU A 37 25.31 3.86 -5.69
C LEU A 37 25.42 2.34 -5.63
N VAL A 38 26.19 1.76 -6.56
CA VAL A 38 26.34 0.31 -6.61
C VAL A 38 27.80 -0.05 -6.81
N ARG A 39 28.20 -1.14 -6.18
CA ARG A 39 29.54 -1.71 -6.38
C ARG A 39 29.63 -2.49 -7.67
N ASP A 40 28.52 -3.08 -8.12
CA ASP A 40 28.51 -3.88 -9.34
C ASP A 40 27.14 -3.75 -9.97
N SER A 41 27.08 -3.12 -11.16
CA SER A 41 25.80 -2.92 -11.82
C SER A 41 25.19 -4.23 -12.32
N SER A 42 25.95 -5.33 -12.31
CA SER A 42 25.39 -6.64 -12.64
C SER A 42 24.20 -6.98 -11.74
N ARG A 43 24.18 -6.45 -10.52
CA ARG A 43 23.19 -6.90 -9.55
C ARG A 43 21.94 -6.01 -9.54
N LEU A 44 21.87 -4.98 -10.39
CA LEU A 44 20.73 -4.17 -10.81
C LEU A 44 19.98 -4.85 -11.95
N PRO A 45 18.66 -4.74 -11.99
CA PRO A 45 17.89 -5.30 -13.11
C PRO A 45 18.24 -4.58 -14.41
N SER A 46 18.16 -5.33 -15.52
CA SER A 46 18.49 -4.77 -16.83
C SER A 46 17.25 -4.40 -17.64
N GLU A 47 16.06 -4.81 -17.21
CA GLU A 47 14.80 -4.37 -17.78
C GLU A 47 13.82 -4.07 -16.64
N GLY A 48 12.66 -3.54 -16.99
CA GLY A 48 11.64 -3.25 -16.01
C GLY A 48 11.89 -1.94 -15.28
N PRO A 49 11.33 -1.81 -14.08
CA PRO A 49 11.61 -0.63 -13.23
C PRO A 49 13.09 -0.45 -12.91
N ARG A 50 13.71 0.57 -13.50
CA ARG A 50 15.14 0.80 -13.37
C ARG A 50 15.41 2.24 -12.95
N PRO A 51 16.51 2.45 -12.24
CA PRO A 51 16.83 3.81 -11.75
C PRO A 51 17.20 4.75 -12.89
N ALA A 52 17.02 6.04 -12.63
CA ALA A 52 17.32 7.03 -13.66
C ALA A 52 18.80 7.36 -13.70
N HIS A 53 19.50 7.26 -12.59
CA HIS A 53 20.94 7.49 -12.54
C HIS A 53 21.62 6.37 -11.77
N VAL A 54 22.78 5.97 -12.25
CA VAL A 54 23.60 4.95 -11.60
C VAL A 54 24.98 5.53 -11.37
N VAL A 55 25.42 5.51 -10.11
CA VAL A 55 26.82 5.76 -9.75
C VAL A 55 27.46 4.43 -9.38
N VAL A 56 28.63 4.17 -9.97
CA VAL A 56 29.39 2.96 -9.67
C VAL A 56 30.49 3.32 -8.69
N GLY A 57 30.52 2.65 -7.54
CA GLY A 57 31.50 3.00 -6.53
C GLY A 57 31.23 2.28 -5.23
N ASP A 58 31.77 2.84 -4.15
CA ASP A 58 31.74 2.18 -2.85
C ASP A 58 31.37 3.20 -1.79
N VAL A 59 30.46 2.81 -0.88
CA VAL A 59 29.95 3.74 0.11
C VAL A 59 31.05 4.18 1.07
N LEU A 60 32.18 3.49 1.08
CA LEU A 60 33.33 3.87 1.88
C LEU A 60 34.17 4.98 1.25
N GLN A 61 33.94 5.32 0.00
CA GLN A 61 34.66 6.39 -0.68
C GLN A 61 33.76 7.63 -0.71
N ALA A 62 34.15 8.66 0.05
CA ALA A 62 33.29 9.83 0.21
C ALA A 62 32.99 10.50 -1.12
N ALA A 63 33.91 10.43 -2.08
CA ALA A 63 33.68 11.06 -3.39
C ALA A 63 32.53 10.35 -4.12
N ASP A 64 32.47 9.02 -4.03
CA ASP A 64 31.38 8.28 -4.65
C ASP A 64 30.05 8.62 -3.98
N VAL A 65 30.02 8.70 -2.63
CA VAL A 65 28.77 9.05 -1.93
C VAL A 65 28.36 10.47 -2.27
N ASP A 66 29.34 11.38 -2.40
CA ASP A 66 29.02 12.78 -2.69
C ASP A 66 28.32 12.94 -4.04
N LYS A 67 28.75 12.19 -5.05
CA LYS A 67 28.06 12.35 -6.33
C LYS A 67 26.74 11.59 -6.38
N THR A 68 26.50 10.65 -5.46
CA THR A 68 25.19 10.00 -5.39
C THR A 68 24.16 10.91 -4.72
N VAL A 69 24.56 11.61 -3.66
CA VAL A 69 23.68 12.50 -2.91
C VAL A 69 23.47 13.83 -3.62
N ALA A 70 24.37 14.22 -4.52
CA ALA A 70 24.25 15.50 -5.20
C ALA A 70 22.90 15.63 -5.87
N GLY A 71 22.25 16.77 -5.63
CA GLY A 71 20.99 17.09 -6.30
C GLY A 71 19.77 16.36 -5.78
N GLN A 72 19.87 15.66 -4.65
CA GLN A 72 18.74 14.85 -4.18
C GLN A 72 17.85 15.66 -3.25
N ASP A 73 16.62 15.14 -3.07
CA ASP A 73 15.68 15.62 -2.07
C ASP A 73 15.64 14.76 -0.82
N ALA A 74 16.05 13.50 -0.90
CA ALA A 74 16.00 12.59 0.24
C ALA A 74 16.89 11.38 -0.03
N VAL A 75 17.16 10.61 1.03
CA VAL A 75 18.09 9.49 0.99
C VAL A 75 17.48 8.30 1.73
N ILE A 76 17.45 7.14 1.07
CA ILE A 76 17.08 5.89 1.70
C ILE A 76 18.34 5.05 1.88
N VAL A 77 18.53 4.50 3.07
CA VAL A 77 19.70 3.66 3.35
C VAL A 77 19.23 2.26 3.66
N LEU A 78 19.71 1.31 2.87
CA LEU A 78 19.47 -0.12 3.02
C LEU A 78 20.78 -0.90 2.89
N LEU A 79 21.87 -0.32 3.39
CA LEU A 79 23.16 -1.01 3.44
C LEU A 79 23.10 -2.18 4.41
N GLY A 80 23.96 -3.17 4.17
CA GLY A 80 23.98 -4.40 4.94
C GLY A 80 25.14 -5.26 4.48
N THR A 81 25.21 -6.45 5.06
CA THR A 81 26.36 -7.32 4.89
C THR A 81 26.02 -8.63 4.20
N ARG A 82 24.80 -8.76 3.68
CA ARG A 82 24.32 -10.01 3.04
C ARG A 82 24.54 -11.14 4.03
N ASN A 83 25.23 -12.22 3.66
CA ASN A 83 25.41 -13.39 4.51
C ASN A 83 26.67 -13.33 5.36
N ASP A 84 27.39 -12.21 5.34
CA ASP A 84 28.59 -12.05 6.19
C ASP A 84 28.20 -11.53 7.58
N LEU A 85 28.47 -12.29 8.63
CA LEU A 85 28.11 -11.91 10.01
C LEU A 85 29.37 -11.47 10.76
N SER A 86 30.41 -11.17 10.02
CA SER A 86 31.71 -10.80 10.61
C SER A 86 31.73 -9.38 11.17
N PRO A 87 32.63 -9.06 12.13
CA PRO A 87 32.78 -7.69 12.60
C PRO A 87 32.99 -6.75 11.41
N THR A 88 32.29 -5.61 11.42
CA THR A 88 32.33 -4.70 10.30
C THR A 88 32.06 -3.30 10.78
N THR A 89 32.58 -2.32 10.02
CA THR A 89 32.25 -0.92 10.19
C THR A 89 31.76 -0.31 8.87
N VAL A 90 31.33 -1.15 7.93
CA VAL A 90 30.93 -0.65 6.61
C VAL A 90 29.68 0.22 6.72
N MET A 91 28.75 -0.15 7.58
CA MET A 91 27.48 0.56 7.64
C MET A 91 27.61 1.89 8.39
N SER A 92 28.37 1.91 9.49
CA SER A 92 28.58 3.16 10.22
C SER A 92 29.50 4.11 9.46
N GLU A 93 30.61 3.60 8.90
CA GLU A 93 31.50 4.46 8.07
C GLU A 93 30.74 4.93 6.84
N GLY A 94 30.02 4.03 6.16
CA GLY A 94 29.18 4.47 5.06
C GLY A 94 28.21 5.55 5.49
N ALA A 95 27.64 5.40 6.68
CA ALA A 95 26.72 6.40 7.21
C ALA A 95 27.41 7.73 7.51
N ARG A 96 28.67 7.72 7.91
CA ARG A 96 29.39 9.02 8.10
C ARG A 96 29.55 9.72 6.75
N ASN A 97 29.83 8.95 5.70
CA ASN A 97 29.93 9.50 4.33
C ASN A 97 28.57 10.06 3.91
N ILE A 98 27.49 9.32 4.16
CA ILE A 98 26.18 9.78 3.69
C ILE A 98 25.79 11.08 4.39
N VAL A 99 25.99 11.16 5.72
CA VAL A 99 25.61 12.36 6.47
C VAL A 99 26.35 13.58 5.94
N ALA A 100 27.66 13.45 5.70
CA ALA A 100 28.46 14.59 5.23
C ALA A 100 28.05 15.05 3.83
N ALA A 101 27.74 14.11 2.95
CA ALA A 101 27.32 14.51 1.62
C ALA A 101 25.94 15.15 1.65
N MET A 102 25.06 14.69 2.55
CA MET A 102 23.74 15.31 2.69
C MET A 102 23.85 16.75 3.18
N LYS A 103 24.68 16.98 4.20
CA LYS A 103 24.92 18.35 4.67
C LYS A 103 25.57 19.21 3.59
N ALA A 104 26.55 18.67 2.86
CA ALA A 104 27.19 19.43 1.79
C ALA A 104 26.21 19.81 0.66
N HIS A 105 25.12 19.06 0.49
CA HIS A 105 24.16 19.32 -0.57
C HIS A 105 22.77 19.72 -0.06
N GLY A 106 22.65 20.09 1.22
CA GLY A 106 21.40 20.58 1.74
C GLY A 106 20.26 19.59 1.73
N VAL A 107 20.56 18.30 1.79
CA VAL A 107 19.52 17.28 1.93
C VAL A 107 19.28 17.07 3.42
N ASP A 108 18.00 17.04 3.82
CA ASP A 108 17.61 16.84 5.21
C ASP A 108 17.09 15.43 5.51
N LYS A 109 16.31 14.85 4.60
CA LYS A 109 15.52 13.66 4.88
C LYS A 109 16.33 12.40 4.60
N VAL A 110 16.56 11.60 5.65
CA VAL A 110 17.20 10.30 5.50
C VAL A 110 16.35 9.25 6.20
N VAL A 111 15.98 8.20 5.47
CA VAL A 111 15.25 7.06 6.04
C VAL A 111 16.19 5.87 6.00
N ALA A 112 16.63 5.38 7.17
CA ALA A 112 17.68 4.38 7.22
C ALA A 112 17.27 3.17 8.03
N CYS A 113 17.67 2.00 7.55
CA CYS A 113 17.28 0.72 8.12
C CYS A 113 18.42 0.20 9.00
N THR A 114 18.11 -0.02 10.29
CA THR A 114 19.04 -0.75 11.12
C THR A 114 18.33 -2.04 11.49
N SER A 115 17.96 -2.22 12.75
CA SER A 115 17.27 -3.47 13.08
C SER A 115 16.55 -3.33 14.41
N ALA A 116 15.52 -4.16 14.59
CA ALA A 116 14.75 -4.16 15.83
C ALA A 116 15.60 -4.47 17.06
N PHE A 117 16.75 -5.14 16.87
CA PHE A 117 17.62 -5.45 18.00
C PHE A 117 18.08 -4.20 18.73
N LEU A 118 18.02 -3.05 18.07
CA LEU A 118 18.31 -1.78 18.73
C LEU A 118 17.24 -1.40 19.75
N LEU A 119 16.09 -2.06 19.73
CA LEU A 119 15.06 -1.86 20.75
C LEU A 119 15.02 -3.00 21.76
N TRP A 120 15.94 -3.97 21.68
CA TRP A 120 16.00 -5.12 22.57
C TRP A 120 16.94 -4.88 23.73
N ASP A 121 16.74 -5.63 24.80
CA ASP A 121 17.74 -5.74 25.83
C ASP A 121 19.02 -6.26 25.19
N PRO A 122 20.15 -5.54 25.32
CA PRO A 122 21.36 -5.92 24.55
C PRO A 122 21.91 -7.29 24.90
N THR A 123 21.63 -7.82 26.09
CA THR A 123 22.06 -9.16 26.46
C THR A 123 21.27 -10.23 25.73
N LYS A 124 20.13 -9.87 25.12
CA LYS A 124 19.25 -10.85 24.51
C LYS A 124 19.51 -11.04 23.01
N VAL A 125 20.54 -10.40 22.45
CA VAL A 125 20.79 -10.52 21.02
C VAL A 125 21.54 -11.84 20.77
N PRO A 126 21.12 -12.63 19.79
CA PRO A 126 21.82 -13.88 19.49
C PRO A 126 23.29 -13.64 19.23
N PRO A 127 24.16 -14.45 19.84
CA PRO A 127 25.61 -14.22 19.68
C PRO A 127 26.06 -14.15 18.23
N ARG A 128 25.47 -14.93 17.33
CA ARG A 128 25.91 -14.88 15.94
C ARG A 128 25.64 -13.53 15.30
N LEU A 129 24.71 -12.75 15.84
CA LEU A 129 24.27 -11.49 15.26
C LEU A 129 24.83 -10.27 15.99
N GLN A 130 25.67 -10.48 17.01
CA GLN A 130 26.17 -9.36 17.81
C GLN A 130 27.11 -8.46 17.01
N ALA A 131 27.92 -9.02 16.11
CA ALA A 131 28.91 -8.21 15.40
C ALA A 131 28.24 -7.27 14.42
N VAL A 132 27.26 -7.76 13.66
CA VAL A 132 26.51 -6.87 12.77
C VAL A 132 25.72 -5.86 13.58
N THR A 133 25.06 -6.33 14.63
CA THR A 133 24.28 -5.45 15.52
C THR A 133 25.14 -4.33 16.07
N ASP A 134 26.38 -4.64 16.48
CA ASP A 134 27.27 -3.59 16.97
C ASP A 134 27.47 -2.49 15.93
N ASP A 135 27.43 -2.83 14.65
CA ASP A 135 27.63 -1.73 13.70
C ASP A 135 26.33 -1.02 13.37
N HIS A 136 25.18 -1.69 13.50
CA HIS A 136 23.90 -0.97 13.44
C HIS A 136 23.85 0.10 14.52
N ILE A 137 24.23 -0.28 15.75
CA ILE A 137 24.29 0.68 16.85
C ILE A 137 25.18 1.85 16.49
N ARG A 138 26.38 1.58 15.95
CA ARG A 138 27.30 2.64 15.57
C ARG A 138 26.68 3.55 14.50
N MET A 139 25.92 2.96 13.58
CA MET A 139 25.30 3.73 12.52
C MET A 139 24.14 4.56 13.04
N HIS A 140 23.31 3.96 13.90
CA HIS A 140 22.20 4.68 14.52
C HIS A 140 22.71 5.91 15.28
N LYS A 141 23.85 5.79 15.95
CA LYS A 141 24.44 6.93 16.69
C LYS A 141 24.87 8.00 15.69
N VAL A 142 25.45 7.60 14.55
CA VAL A 142 25.88 8.57 13.55
C VAL A 142 24.69 9.41 13.10
N LEU A 143 23.60 8.75 12.74
CA LEU A 143 22.44 9.46 12.18
C LEU A 143 21.71 10.24 13.26
N ARG A 144 21.62 9.68 14.47
CA ARG A 144 20.99 10.38 15.58
C ARG A 144 21.73 11.68 15.89
N GLU A 145 23.05 11.65 15.83
CA GLU A 145 23.86 12.81 16.15
C GLU A 145 23.94 13.81 15.01
N SER A 146 23.54 13.40 13.80
CA SER A 146 23.74 14.24 12.62
C SER A 146 22.90 15.50 12.68
N GLY A 147 21.73 15.45 13.32
CA GLY A 147 20.81 16.56 13.27
C GLY A 147 19.96 16.65 12.02
N LEU A 148 20.04 15.67 11.14
CA LEU A 148 19.18 15.61 9.97
C LEU A 148 17.79 15.11 10.36
N LYS A 149 16.88 15.07 9.39
CA LYS A 149 15.53 14.55 9.63
C LYS A 149 15.58 13.05 9.40
N TYR A 150 15.75 12.30 10.48
CA TYR A 150 16.17 10.90 10.44
C TYR A 150 15.00 10.03 10.89
N VAL A 151 14.53 9.17 9.99
CA VAL A 151 13.57 8.13 10.36
C VAL A 151 14.37 6.85 10.56
N ALA A 152 14.37 6.34 11.79
CA ALA A 152 15.09 5.12 12.16
C ALA A 152 14.14 3.95 11.97
N VAL A 153 14.35 3.18 10.90
CA VAL A 153 13.56 2.00 10.61
C VAL A 153 14.27 0.80 11.24
N MET A 154 13.58 0.09 12.13
CA MET A 154 14.16 -1.00 12.91
C MET A 154 13.30 -2.25 12.73
N PRO A 155 13.51 -2.98 11.64
CA PRO A 155 12.62 -4.11 11.32
C PRO A 155 13.00 -5.35 12.09
N PRO A 156 12.05 -6.26 12.32
CA PRO A 156 12.43 -7.60 12.78
C PRO A 156 12.87 -8.44 11.60
N HIS A 157 12.61 -9.74 11.66
CA HIS A 157 13.05 -10.63 10.59
C HIS A 157 12.47 -10.17 9.26
N ILE A 158 13.31 -10.15 8.23
CA ILE A 158 12.89 -9.76 6.90
C ILE A 158 12.61 -11.03 6.11
N GLY A 159 11.35 -11.25 5.75
CA GLY A 159 10.95 -12.41 4.99
C GLY A 159 10.75 -12.06 3.52
N ASP A 160 10.38 -13.09 2.75
CA ASP A 160 10.18 -12.92 1.32
C ASP A 160 8.72 -13.07 0.92
N GLN A 161 7.80 -12.89 1.86
CA GLN A 161 6.39 -12.99 1.55
C GLN A 161 6.00 -11.88 0.56
N PRO A 162 4.94 -12.08 -0.22
CA PRO A 162 4.55 -11.04 -1.19
C PRO A 162 4.22 -9.72 -0.52
N LEU A 163 4.15 -8.69 -1.36
CA LEU A 163 3.74 -7.36 -0.91
C LEU A 163 2.28 -7.38 -0.49
N THR A 164 1.98 -6.75 0.66
CA THR A 164 0.61 -6.57 1.11
C THR A 164 0.22 -5.13 1.30
N GLY A 165 1.15 -4.27 1.73
CA GLY A 165 0.78 -2.93 2.08
C GLY A 165 -0.16 -2.83 3.26
N ALA A 166 -0.33 -3.91 4.03
CA ALA A 166 -1.27 -3.94 5.14
C ALA A 166 -0.58 -4.12 6.48
N TYR A 167 0.72 -3.87 6.54
CA TYR A 167 1.54 -4.11 7.71
C TYR A 167 1.25 -3.07 8.79
N THR A 168 1.71 -3.37 10.01
CA THR A 168 1.61 -2.46 11.13
C THR A 168 2.91 -1.67 11.29
N VAL A 169 2.79 -0.46 11.82
CA VAL A 169 3.94 0.37 12.13
C VAL A 169 3.85 0.79 13.59
N THR A 170 4.82 0.39 14.39
CA THR A 170 4.89 0.75 15.80
C THR A 170 5.97 1.79 16.03
N LEU A 171 5.64 2.86 16.74
CA LEU A 171 6.56 3.96 16.95
C LEU A 171 7.27 3.79 18.29
N ASP A 172 8.60 3.91 18.26
CA ASP A 172 9.42 3.96 19.48
C ASP A 172 9.19 2.75 20.37
N GLY A 173 9.08 1.59 19.75
CA GLY A 173 8.90 0.37 20.54
C GLY A 173 8.82 -0.87 19.69
N ARG A 174 8.72 -2.00 20.37
CA ARG A 174 8.67 -3.28 19.63
C ARG A 174 7.24 -3.52 19.16
N GLY A 175 7.13 -4.10 17.98
CA GLY A 175 5.80 -4.39 17.42
C GLY A 175 5.32 -5.79 17.72
N PRO A 176 4.02 -6.04 17.48
CA PRO A 176 3.45 -7.33 17.88
C PRO A 176 3.80 -8.51 16.99
N SER A 177 4.51 -8.31 15.88
CA SER A 177 4.95 -9.43 15.07
C SER A 177 6.46 -9.38 14.91
N ARG A 178 7.06 -10.54 14.63
CA ARG A 178 8.50 -10.63 14.50
C ARG A 178 8.94 -10.82 13.06
N VAL A 179 8.11 -10.43 12.09
CA VAL A 179 8.46 -10.54 10.68
C VAL A 179 7.86 -9.38 9.90
N ILE A 180 8.62 -8.90 8.91
CA ILE A 180 8.13 -7.99 7.89
C ILE A 180 8.66 -8.52 6.57
N SER A 181 7.81 -8.52 5.55
CA SER A 181 8.33 -8.95 4.26
C SER A 181 9.20 -7.86 3.68
N LYS A 182 10.18 -8.27 2.85
CA LYS A 182 11.07 -7.29 2.22
C LYS A 182 10.27 -6.30 1.38
N HIS A 183 9.17 -6.76 0.77
CA HIS A 183 8.38 -5.88 -0.08
C HIS A 183 7.59 -4.85 0.72
N ASP A 184 7.05 -5.26 1.88
CA ASP A 184 6.37 -4.33 2.77
C ASP A 184 7.36 -3.41 3.46
N LEU A 185 8.58 -3.91 3.71
CA LEU A 185 9.61 -3.05 4.30
C LEU A 185 10.02 -1.95 3.33
N GLY A 186 10.20 -2.30 2.07
CA GLY A 186 10.51 -1.28 1.07
C GLY A 186 9.36 -0.31 0.86
N HIS A 187 8.14 -0.83 0.81
CA HIS A 187 6.94 -0.01 0.73
C HIS A 187 6.94 1.06 1.82
N PHE A 188 7.29 0.66 3.04
CA PHE A 188 7.25 1.58 4.18
C PHE A 188 8.38 2.61 4.13
N MET A 189 9.59 2.20 3.67
CA MET A 189 10.66 3.17 3.48
C MET A 189 10.20 4.34 2.60
N LEU A 190 9.43 4.03 1.56
CA LEU A 190 8.93 5.09 0.67
C LEU A 190 7.77 5.87 1.30
N ARG A 191 6.93 5.20 2.09
CA ARG A 191 5.90 5.91 2.82
C ARG A 191 6.52 7.01 3.71
N CYS A 192 7.69 6.73 4.27
CA CYS A 192 8.37 7.72 5.12
C CYS A 192 8.76 8.96 4.36
N LEU A 193 8.86 8.88 3.03
CA LEU A 193 9.17 10.06 2.22
C LEU A 193 7.99 11.01 2.11
N THR A 194 6.77 10.52 2.33
CA THR A 194 5.56 11.30 2.11
C THR A 194 5.08 12.04 3.34
N THR A 195 5.64 11.75 4.50
CA THR A 195 5.18 12.36 5.73
C THR A 195 6.38 12.78 6.56
N ASP A 196 6.15 13.69 7.50
CA ASP A 196 7.15 14.00 8.51
C ASP A 196 6.75 13.45 9.88
N GLU A 197 5.69 12.65 9.97
CA GLU A 197 5.21 12.19 11.27
C GLU A 197 6.16 11.20 11.94
N TYR A 198 7.12 10.63 11.19
CA TYR A 198 8.06 9.65 11.71
C TYR A 198 9.42 10.24 12.01
N ASP A 199 9.65 11.50 11.63
CA ASP A 199 10.94 12.14 11.81
C ASP A 199 11.33 12.15 13.29
N GLY A 200 12.55 11.67 13.57
CA GLY A 200 13.04 11.65 14.93
C GLY A 200 12.48 10.54 15.80
N HIS A 201 11.72 9.61 15.23
CA HIS A 201 11.23 8.43 15.93
C HIS A 201 11.88 7.18 15.37
N SER A 202 11.84 6.13 16.17
N SER A 202 11.84 6.13 16.17
CA SER A 202 12.11 4.78 15.71
CA SER A 202 12.12 4.78 15.67
C SER A 202 10.82 4.15 15.21
C SER A 202 10.81 4.15 15.21
N THR A 203 10.88 3.40 14.12
CA THR A 203 9.71 2.79 13.51
C THR A 203 9.97 1.30 13.35
N TYR A 204 9.02 0.50 13.81
CA TYR A 204 9.11 -0.96 13.75
C TYR A 204 7.97 -1.42 12.86
N PRO A 205 8.24 -1.85 11.64
CA PRO A 205 7.18 -2.39 10.77
C PRO A 205 7.08 -3.90 10.88
N SER A 206 5.86 -4.42 10.97
CA SER A 206 5.68 -5.85 11.15
C SER A 206 4.28 -6.23 10.71
N HIS A 207 4.10 -7.52 10.42
CA HIS A 207 2.83 -8.01 9.89
C HIS A 207 2.78 -9.50 10.14
N GLN A 208 1.58 -10.07 9.99
CA GLN A 208 1.41 -11.50 10.12
C GLN A 208 0.99 -12.08 8.77
N TYR A 209 1.75 -13.05 8.28
CA TYR A 209 1.61 -13.56 6.92
C TYR A 209 1.12 -14.99 6.91
N ALA B 6 -31.46 0.44 11.47
CA ALA B 6 -30.30 0.94 10.76
C ALA B 6 -29.49 -0.21 10.14
N VAL B 7 -28.44 0.14 9.41
CA VAL B 7 -27.50 -0.83 8.89
C VAL B 7 -26.39 -0.99 9.90
N LYS B 8 -26.10 -2.21 10.33
CA LYS B 8 -24.97 -2.45 11.27
C LYS B 8 -24.03 -3.52 10.71
N LYS B 9 -24.60 -4.60 10.17
CA LYS B 9 -23.78 -5.70 9.64
C LYS B 9 -23.65 -5.55 8.12
N ILE B 10 -22.42 -5.44 7.62
CA ILE B 10 -22.19 -5.34 6.18
C ILE B 10 -21.12 -6.35 5.79
N ALA B 11 -21.21 -6.81 4.54
CA ALA B 11 -20.16 -7.58 3.91
C ALA B 11 -19.44 -6.68 2.91
N ILE B 12 -18.12 -6.81 2.83
CA ILE B 12 -17.32 -6.08 1.86
C ILE B 12 -16.58 -7.09 1.00
N PHE B 13 -16.84 -7.05 -0.31
CA PHE B 13 -16.12 -7.86 -1.29
C PHE B 13 -15.06 -6.99 -1.96
N GLY B 14 -13.85 -7.50 -2.07
CA GLY B 14 -12.71 -6.68 -2.49
C GLY B 14 -12.06 -5.89 -1.37
N ALA B 15 -12.22 -6.30 -0.11
CA ALA B 15 -11.73 -5.53 1.02
C ALA B 15 -10.22 -5.42 1.08
N THR B 16 -9.48 -6.31 0.39
CA THR B 16 -8.02 -6.28 0.40
C THR B 16 -7.45 -5.41 -0.73
N GLY B 17 -8.30 -4.80 -1.54
CA GLY B 17 -7.86 -4.00 -2.65
C GLY B 17 -7.54 -2.56 -2.26
N GLN B 18 -7.10 -1.80 -3.26
CA GLN B 18 -6.72 -0.40 -3.08
C GLN B 18 -7.80 0.40 -2.37
N THR B 19 -9.03 0.32 -2.85
CA THR B 19 -10.15 1.03 -2.24
C THR B 19 -10.74 0.26 -1.06
N GLY B 20 -10.76 -1.07 -1.16
CA GLY B 20 -11.32 -1.89 -0.11
C GLY B 20 -10.64 -1.71 1.24
N LEU B 21 -9.31 -1.62 1.25
CA LEU B 21 -8.59 -1.51 2.51
C LEU B 21 -9.00 -0.26 3.26
N THR B 22 -9.05 0.89 2.58
CA THR B 22 -9.48 2.08 3.28
C THR B 22 -10.97 2.07 3.58
N THR B 23 -11.79 1.46 2.71
CA THR B 23 -13.21 1.33 3.03
C THR B 23 -13.42 0.48 4.27
N LEU B 24 -12.69 -0.64 4.38
CA LEU B 24 -12.80 -1.50 5.55
C LEU B 24 -12.42 -0.75 6.82
N ALA B 25 -11.25 -0.11 6.83
CA ALA B 25 -10.86 0.67 8.00
C ALA B 25 -11.89 1.75 8.32
N GLN B 26 -12.43 2.43 7.30
CA GLN B 26 -13.41 3.47 7.57
C GLN B 26 -14.71 2.89 8.12
N ALA B 27 -15.10 1.70 7.67
CA ALA B 27 -16.35 1.10 8.14
C ALA B 27 -16.23 0.64 9.58
N VAL B 28 -15.08 0.07 9.95
CA VAL B 28 -14.86 -0.37 11.33
C VAL B 28 -14.84 0.83 12.27
N GLN B 29 -14.22 1.93 11.84
CA GLN B 29 -14.19 3.13 12.67
C GLN B 29 -15.59 3.75 12.82
N ALA B 30 -16.44 3.59 11.81
CA ALA B 30 -17.80 4.11 11.87
C ALA B 30 -18.71 3.27 12.77
N GLY B 31 -18.31 2.07 13.16
CA GLY B 31 -19.13 1.24 14.02
C GLY B 31 -19.84 0.07 13.36
N TYR B 32 -19.56 -0.21 12.09
CA TYR B 32 -20.15 -1.36 11.40
C TYR B 32 -19.53 -2.68 11.86
N GLU B 33 -20.36 -3.72 11.85
CA GLU B 33 -19.88 -5.09 12.06
C GLU B 33 -19.61 -5.69 10.67
N VAL B 34 -18.35 -5.84 10.32
CA VAL B 34 -17.93 -6.04 8.93
C VAL B 34 -17.47 -7.49 8.74
N THR B 35 -18.06 -8.17 7.75
CA THR B 35 -17.61 -9.47 7.27
C THR B 35 -16.92 -9.26 5.92
N VAL B 36 -15.76 -9.89 5.74
CA VAL B 36 -15.05 -9.83 4.46
C VAL B 36 -14.92 -11.23 3.89
N LEU B 37 -14.99 -11.32 2.57
CA LEU B 37 -14.55 -12.52 1.85
C LEU B 37 -13.18 -12.23 1.25
N VAL B 38 -12.19 -13.05 1.58
CA VAL B 38 -10.82 -12.85 1.11
C VAL B 38 -10.24 -14.16 0.60
N ARG B 39 -9.43 -14.04 -0.44
CA ARG B 39 -8.67 -15.18 -0.95
C ARG B 39 -7.44 -15.46 -0.10
N ASP B 40 -6.89 -14.44 0.53
CA ASP B 40 -5.69 -14.57 1.35
C ASP B 40 -5.74 -13.51 2.44
N SER B 41 -5.79 -13.97 3.70
CA SER B 41 -5.88 -13.04 4.83
C SER B 41 -4.57 -12.32 5.12
N SER B 42 -3.47 -12.68 4.44
CA SER B 42 -2.22 -11.93 4.57
C SER B 42 -2.40 -10.49 4.16
N ARG B 43 -3.37 -10.21 3.29
CA ARG B 43 -3.52 -8.87 2.73
C ARG B 43 -4.51 -8.00 3.51
N LEU B 44 -5.10 -8.55 4.61
CA LEU B 44 -5.83 -7.79 5.61
C LEU B 44 -4.85 -7.28 6.67
N PRO B 45 -5.09 -6.09 7.23
CA PRO B 45 -4.23 -5.62 8.33
C PRO B 45 -4.31 -6.58 9.51
N SER B 46 -3.21 -6.67 10.23
CA SER B 46 -3.07 -7.57 11.41
C SER B 46 -3.34 -6.77 12.67
N GLU B 47 -3.23 -5.45 12.60
CA GLU B 47 -3.56 -4.57 13.75
C GLU B 47 -4.43 -3.40 13.27
N GLY B 48 -4.92 -2.59 14.20
CA GLY B 48 -5.74 -1.42 13.83
C GLY B 48 -7.19 -1.77 13.52
N PRO B 49 -7.91 -0.96 12.74
CA PRO B 49 -9.30 -1.30 12.36
C PRO B 49 -9.40 -2.58 11.53
N ARG B 50 -9.92 -3.65 12.12
CA ARG B 50 -10.02 -4.96 11.49
C ARG B 50 -11.47 -5.43 11.44
N PRO B 51 -11.81 -6.33 10.52
CA PRO B 51 -13.21 -6.76 10.39
C PRO B 51 -13.59 -7.73 11.51
N ALA B 52 -14.89 -7.77 11.82
CA ALA B 52 -15.38 -8.68 12.86
C ALA B 52 -15.37 -10.13 12.42
N HIS B 53 -15.58 -10.40 11.13
CA HIS B 53 -15.67 -11.77 10.61
C HIS B 53 -14.91 -11.84 9.30
N VAL B 54 -14.08 -12.88 9.17
CA VAL B 54 -13.27 -13.13 7.98
C VAL B 54 -13.68 -14.47 7.39
N VAL B 55 -14.09 -14.46 6.13
CA VAL B 55 -14.37 -15.68 5.38
C VAL B 55 -13.28 -15.83 4.35
N VAL B 56 -12.59 -16.95 4.38
CA VAL B 56 -11.53 -17.23 3.43
C VAL B 56 -12.13 -18.01 2.27
N GLY B 57 -12.05 -17.45 1.06
CA GLY B 57 -12.68 -18.12 -0.05
C GLY B 57 -12.47 -17.34 -1.33
N ASP B 58 -13.31 -17.66 -2.31
CA ASP B 58 -13.24 -17.05 -3.63
C ASP B 58 -14.63 -16.57 -4.03
N VAL B 59 -14.72 -15.37 -4.59
CA VAL B 59 -16.03 -14.88 -5.00
C VAL B 59 -16.62 -15.72 -6.14
N LEU B 60 -15.81 -16.51 -6.82
CA LEU B 60 -16.31 -17.42 -7.84
C LEU B 60 -17.02 -18.65 -7.28
N GLN B 61 -16.92 -18.89 -5.97
CA GLN B 61 -17.50 -20.06 -5.30
C GLN B 61 -18.80 -19.68 -4.61
N ALA B 62 -19.93 -20.13 -5.15
CA ALA B 62 -21.22 -19.67 -4.64
C ALA B 62 -21.39 -19.97 -3.15
N ALA B 63 -20.70 -20.98 -2.62
CA ALA B 63 -20.84 -21.28 -1.20
C ALA B 63 -20.11 -20.27 -0.33
N ASP B 64 -18.90 -19.87 -0.75
CA ASP B 64 -18.13 -18.88 0.01
C ASP B 64 -18.86 -17.54 0.05
N VAL B 65 -19.48 -17.14 -1.06
CA VAL B 65 -20.26 -15.91 -1.09
C VAL B 65 -21.48 -16.03 -0.18
N ASP B 66 -22.16 -17.18 -0.20
CA ASP B 66 -23.37 -17.36 0.61
C ASP B 66 -23.09 -17.21 2.11
N LYS B 67 -21.97 -17.75 2.58
CA LYS B 67 -21.70 -17.61 4.00
C LYS B 67 -21.17 -16.23 4.34
N THR B 68 -20.63 -15.50 3.36
CA THR B 68 -20.27 -14.10 3.54
C THR B 68 -21.51 -13.21 3.62
N VAL B 69 -22.53 -13.46 2.78
CA VAL B 69 -23.71 -12.59 2.76
C VAL B 69 -24.72 -12.97 3.85
N ALA B 70 -24.68 -14.20 4.36
CA ALA B 70 -25.65 -14.62 5.37
C ALA B 70 -25.67 -13.63 6.52
N GLY B 71 -26.83 -13.04 6.77
CA GLY B 71 -27.08 -12.27 7.96
C GLY B 71 -26.86 -10.78 7.79
N GLN B 72 -26.24 -10.35 6.69
CA GLN B 72 -25.87 -8.97 6.54
C GLN B 72 -27.10 -8.08 6.39
N ASP B 73 -26.90 -6.78 6.62
CA ASP B 73 -27.90 -5.75 6.31
C ASP B 73 -27.68 -5.13 4.94
N ALA B 74 -26.44 -5.12 4.46
CA ALA B 74 -26.10 -4.53 3.17
C ALA B 74 -24.76 -5.08 2.72
N VAL B 75 -24.37 -4.73 1.48
CA VAL B 75 -23.19 -5.31 0.85
C VAL B 75 -22.48 -4.22 0.06
N ILE B 76 -21.17 -4.12 0.23
N ILE B 76 -21.17 -4.13 0.21
CA ILE B 76 -20.29 -3.27 -0.56
CA ILE B 76 -20.32 -3.23 -0.58
C ILE B 76 -19.51 -4.17 -1.49
C ILE B 76 -19.44 -4.10 -1.47
N VAL B 77 -19.37 -3.76 -2.75
CA VAL B 77 -18.62 -4.53 -3.73
C VAL B 77 -17.51 -3.66 -4.33
N LEU B 78 -16.26 -4.07 -4.07
CA LEU B 78 -15.07 -3.39 -4.55
C LEU B 78 -14.15 -4.38 -5.26
N LEU B 79 -14.74 -5.34 -5.96
CA LEU B 79 -13.94 -6.30 -6.71
C LEU B 79 -13.23 -5.61 -7.86
N GLY B 80 -12.08 -6.17 -8.24
CA GLY B 80 -11.28 -5.67 -9.34
C GLY B 80 -10.21 -6.68 -9.68
N THR B 81 -9.35 -6.28 -10.63
CA THR B 81 -8.33 -7.15 -11.21
C THR B 81 -6.92 -6.65 -10.93
N ARG B 82 -6.79 -5.73 -9.97
CA ARG B 82 -5.51 -5.14 -9.60
C ARG B 82 -4.79 -4.62 -10.84
N ASN B 83 -3.67 -5.22 -11.20
CA ASN B 83 -2.92 -4.78 -12.36
C ASN B 83 -3.18 -5.62 -13.61
N ASP B 84 -3.97 -6.68 -13.50
CA ASP B 84 -4.24 -7.57 -14.62
C ASP B 84 -5.31 -6.94 -15.51
N LEU B 85 -4.91 -6.50 -16.71
CA LEU B 85 -5.86 -5.93 -17.66
C LEU B 85 -6.39 -6.96 -18.67
N SER B 86 -6.18 -8.26 -18.42
CA SER B 86 -6.66 -9.32 -19.31
C SER B 86 -8.18 -9.36 -19.38
N PRO B 87 -8.74 -9.98 -20.43
CA PRO B 87 -10.16 -10.34 -20.39
C PRO B 87 -10.49 -11.20 -19.18
N THR B 88 -11.69 -10.98 -18.63
CA THR B 88 -12.06 -11.58 -17.35
C THR B 88 -13.57 -11.57 -17.23
N THR B 89 -14.09 -12.55 -16.48
CA THR B 89 -15.48 -12.55 -16.06
C THR B 89 -15.58 -12.62 -14.55
N VAL B 90 -14.48 -12.37 -13.84
CA VAL B 90 -14.49 -12.57 -12.39
C VAL B 90 -15.48 -11.64 -11.71
N MET B 91 -15.67 -10.42 -12.24
CA MET B 91 -16.49 -9.42 -11.57
C MET B 91 -17.98 -9.65 -11.81
N SER B 92 -18.37 -9.90 -13.05
CA SER B 92 -19.77 -10.22 -13.36
C SER B 92 -20.19 -11.54 -12.73
N GLU B 93 -19.31 -12.55 -12.75
CA GLU B 93 -19.62 -13.84 -12.13
C GLU B 93 -19.67 -13.72 -10.61
N GLY B 94 -18.69 -13.03 -10.02
CA GLY B 94 -18.82 -12.68 -8.62
C GLY B 94 -20.14 -11.98 -8.33
N ALA B 95 -20.54 -11.04 -9.19
CA ALA B 95 -21.78 -10.33 -8.93
C ALA B 95 -23.00 -11.24 -9.08
N ARG B 96 -22.93 -12.26 -9.95
CA ARG B 96 -24.05 -13.19 -9.99
C ARG B 96 -24.18 -13.93 -8.67
N ASN B 97 -23.05 -14.39 -8.12
CA ASN B 97 -23.06 -15.06 -6.83
C ASN B 97 -23.57 -14.14 -5.72
N ILE B 98 -23.14 -12.87 -5.74
CA ILE B 98 -23.55 -11.94 -4.70
C ILE B 98 -25.06 -11.71 -4.75
N VAL B 99 -25.60 -11.47 -5.94
CA VAL B 99 -27.03 -11.24 -6.10
C VAL B 99 -27.83 -12.43 -5.58
N ALA B 100 -27.42 -13.64 -5.95
CA ALA B 100 -28.12 -14.84 -5.52
C ALA B 100 -28.18 -14.92 -3.99
N ALA B 101 -27.02 -14.83 -3.35
CA ALA B 101 -26.97 -14.94 -1.89
C ALA B 101 -27.70 -13.80 -1.21
N MET B 102 -27.64 -12.59 -1.76
CA MET B 102 -28.41 -11.48 -1.20
C MET B 102 -29.90 -11.76 -1.28
N LYS B 103 -30.37 -12.27 -2.42
CA LYS B 103 -31.81 -12.52 -2.58
C LYS B 103 -32.29 -13.60 -1.62
N ALA B 104 -31.46 -14.62 -1.37
CA ALA B 104 -31.84 -15.75 -0.52
C ALA B 104 -31.83 -15.37 0.96
N HIS B 105 -31.07 -14.33 1.34
CA HIS B 105 -30.95 -13.91 2.73
C HIS B 105 -31.66 -12.58 3.00
N GLY B 106 -32.47 -12.10 2.08
CA GLY B 106 -33.29 -10.93 2.36
C GLY B 106 -32.53 -9.63 2.43
N VAL B 107 -31.33 -9.57 1.84
CA VAL B 107 -30.58 -8.33 1.75
C VAL B 107 -30.98 -7.61 0.48
N ASP B 108 -31.39 -6.34 0.61
CA ASP B 108 -31.82 -5.58 -0.56
C ASP B 108 -30.80 -4.57 -1.04
N LYS B 109 -29.94 -4.06 -0.15
CA LYS B 109 -29.06 -2.93 -0.44
C LYS B 109 -27.68 -3.40 -0.88
N VAL B 110 -27.24 -2.96 -2.06
CA VAL B 110 -25.91 -3.27 -2.56
C VAL B 110 -25.31 -2.01 -3.18
N VAL B 111 -24.13 -1.62 -2.72
CA VAL B 111 -23.39 -0.48 -3.22
C VAL B 111 -22.16 -1.02 -3.93
N ALA B 112 -22.07 -0.82 -5.26
CA ALA B 112 -21.14 -1.58 -6.06
C ALA B 112 -20.41 -0.68 -7.05
N CYS B 113 -19.09 -0.89 -7.12
CA CYS B 113 -18.17 -0.03 -7.86
C CYS B 113 -17.86 -0.66 -9.20
N THR B 114 -18.12 0.09 -10.28
CA THR B 114 -17.67 -0.33 -11.61
C THR B 114 -16.72 0.76 -12.10
N SER B 115 -17.17 1.68 -12.94
CA SER B 115 -16.26 2.69 -13.46
C SER B 115 -17.03 3.72 -14.25
N ALA B 116 -16.50 4.95 -14.25
CA ALA B 116 -17.09 6.03 -15.05
C ALA B 116 -17.13 5.73 -16.54
N PHE B 117 -16.28 4.83 -17.04
CA PHE B 117 -16.31 4.52 -18.46
C PHE B 117 -17.65 3.99 -18.91
N LEU B 118 -18.51 3.58 -17.99
CA LEU B 118 -19.86 3.15 -18.30
C LEU B 118 -20.80 4.33 -18.57
N LEU B 119 -20.34 5.56 -18.36
CA LEU B 119 -21.15 6.75 -18.72
C LEU B 119 -20.52 7.40 -19.96
N TRP B 120 -19.51 6.76 -20.54
CA TRP B 120 -18.72 7.37 -21.63
C TRP B 120 -19.19 6.92 -22.99
N ASP B 121 -18.86 7.72 -24.00
CA ASP B 121 -19.07 7.28 -25.40
C ASP B 121 -18.18 6.05 -25.49
N PRO B 122 -18.75 4.88 -25.77
CA PRO B 122 -17.95 3.65 -25.81
C PRO B 122 -16.82 3.67 -26.82
N THR B 123 -16.91 4.51 -27.85
CA THR B 123 -15.81 4.68 -28.79
C THR B 123 -14.58 5.31 -28.15
N LYS B 124 -14.74 6.00 -27.02
CA LYS B 124 -13.65 6.76 -26.42
C LYS B 124 -12.93 6.01 -25.30
N VAL B 125 -13.37 4.80 -24.95
CA VAL B 125 -12.68 4.05 -23.89
C VAL B 125 -11.31 3.62 -24.40
N PRO B 126 -10.24 3.87 -23.66
CA PRO B 126 -8.90 3.47 -24.13
C PRO B 126 -8.82 1.99 -24.39
N PRO B 127 -8.06 1.58 -25.42
CA PRO B 127 -8.00 0.15 -25.77
C PRO B 127 -7.42 -0.75 -24.69
N ARG B 128 -6.41 -0.29 -23.95
CA ARG B 128 -5.85 -1.10 -22.87
C ARG B 128 -6.88 -1.44 -21.80
N LEU B 129 -7.96 -0.66 -21.69
CA LEU B 129 -8.94 -0.83 -20.63
C LEU B 129 -10.26 -1.41 -21.10
N GLN B 130 -10.38 -1.77 -22.39
CA GLN B 130 -11.65 -2.26 -22.91
C GLN B 130 -12.03 -3.62 -22.33
N ALA B 131 -11.05 -4.49 -22.06
CA ALA B 131 -11.38 -5.83 -21.53
C ALA B 131 -11.92 -5.74 -20.11
N VAL B 132 -11.25 -4.98 -19.23
CA VAL B 132 -11.79 -4.77 -17.89
C VAL B 132 -13.14 -4.09 -17.95
N THR B 133 -13.28 -3.06 -18.80
CA THR B 133 -14.53 -2.35 -18.94
C THR B 133 -15.65 -3.25 -19.46
N ASP B 134 -15.31 -4.23 -20.31
CA ASP B 134 -16.31 -5.18 -20.77
C ASP B 134 -16.95 -5.91 -19.58
N ASP B 135 -16.15 -6.33 -18.62
CA ASP B 135 -16.73 -7.04 -17.49
C ASP B 135 -17.42 -6.11 -16.49
N HIS B 136 -17.00 -4.84 -16.42
CA HIS B 136 -17.78 -3.87 -15.64
C HIS B 136 -19.19 -3.76 -16.19
N ILE B 137 -19.30 -3.65 -17.51
CA ILE B 137 -20.60 -3.58 -18.18
C ILE B 137 -21.44 -4.80 -17.83
N ARG B 138 -20.85 -6.00 -17.97
CA ARG B 138 -21.55 -7.22 -17.60
C ARG B 138 -21.96 -7.19 -16.13
N MET B 139 -21.05 -6.77 -15.26
CA MET B 139 -21.38 -6.68 -13.84
C MET B 139 -22.52 -5.71 -13.61
N HIS B 140 -22.43 -4.51 -14.18
CA HIS B 140 -23.50 -3.53 -14.00
C HIS B 140 -24.86 -4.07 -14.47
N LYS B 141 -24.87 -4.78 -15.60
CA LYS B 141 -26.10 -5.39 -16.08
C LYS B 141 -26.66 -6.39 -15.06
N VAL B 142 -25.78 -7.22 -14.48
CA VAL B 142 -26.25 -8.19 -13.47
C VAL B 142 -26.95 -7.47 -12.32
N LEU B 143 -26.36 -6.36 -11.86
CA LEU B 143 -26.90 -5.69 -10.69
C LEU B 143 -28.15 -4.90 -11.03
N ARG B 144 -28.16 -4.24 -12.20
CA ARG B 144 -29.32 -3.46 -12.60
C ARG B 144 -30.53 -4.35 -12.85
N GLU B 145 -30.32 -5.58 -13.30
CA GLU B 145 -31.42 -6.50 -13.55
C GLU B 145 -31.84 -7.29 -12.33
N SER B 146 -31.07 -7.21 -11.24
CA SER B 146 -31.37 -7.99 -10.05
C SER B 146 -32.60 -7.49 -9.31
N GLY B 147 -33.08 -6.28 -9.63
CA GLY B 147 -34.18 -5.71 -8.88
C GLY B 147 -33.85 -5.22 -7.48
N LEU B 148 -32.61 -5.43 -7.01
CA LEU B 148 -32.22 -5.02 -5.67
C LEU B 148 -32.05 -3.50 -5.59
N LYS B 149 -31.97 -2.99 -4.36
CA LYS B 149 -31.67 -1.59 -4.14
C LYS B 149 -30.20 -1.35 -4.45
N TYR B 150 -29.90 -0.96 -5.68
CA TYR B 150 -28.55 -0.96 -6.24
C TYR B 150 -28.10 0.49 -6.44
N VAL B 151 -26.98 0.84 -5.80
CA VAL B 151 -26.29 2.10 -6.04
C VAL B 151 -25.10 1.78 -6.93
N ALA B 152 -25.14 2.25 -8.18
CA ALA B 152 -24.04 2.04 -9.12
C ALA B 152 -23.03 3.14 -8.93
N VAL B 153 -21.92 2.84 -8.26
CA VAL B 153 -20.84 3.81 -8.08
C VAL B 153 -19.91 3.67 -9.30
N MET B 154 -19.70 4.79 -9.99
CA MET B 154 -18.98 4.78 -11.27
C MET B 154 -17.89 5.84 -11.22
N PRO B 155 -16.75 5.53 -10.62
CA PRO B 155 -15.75 6.56 -10.35
C PRO B 155 -14.85 6.80 -11.56
N PRO B 156 -14.19 7.96 -11.60
CA PRO B 156 -13.12 8.19 -12.58
C PRO B 156 -11.82 7.59 -12.06
N HIS B 157 -10.67 8.19 -12.40
CA HIS B 157 -9.41 7.64 -11.91
C HIS B 157 -9.36 7.67 -10.39
N ILE B 158 -8.89 6.55 -9.82
CA ILE B 158 -8.80 6.41 -8.34
C ILE B 158 -7.39 6.80 -7.90
N GLY B 159 -7.29 7.89 -7.16
CA GLY B 159 -5.98 8.36 -6.70
C GLY B 159 -5.63 7.95 -5.28
N ASP B 160 -4.44 8.32 -4.83
CA ASP B 160 -3.96 7.98 -3.47
C ASP B 160 -3.98 9.22 -2.55
N GLN B 161 -4.64 10.30 -2.97
CA GLN B 161 -4.70 11.56 -2.17
C GLN B 161 -5.36 11.31 -0.81
N PRO B 162 -5.01 12.07 0.24
CA PRO B 162 -5.62 11.90 1.56
C PRO B 162 -7.13 12.09 1.54
N LEU B 163 -7.79 11.49 2.51
CA LEU B 163 -9.22 11.65 2.69
C LEU B 163 -9.55 13.12 2.93
N THR B 164 -10.62 13.59 2.30
CA THR B 164 -11.08 14.97 2.48
C THR B 164 -12.53 15.06 2.91
N GLY B 165 -13.37 14.10 2.52
CA GLY B 165 -14.79 14.20 2.81
C GLY B 165 -15.48 15.36 2.15
N ALA B 166 -14.83 16.04 1.22
CA ALA B 166 -15.37 17.25 0.60
C ALA B 166 -15.67 17.06 -0.88
N TYR B 167 -15.63 15.83 -1.38
CA TYR B 167 -15.76 15.54 -2.80
C TYR B 167 -17.18 15.84 -3.29
N THR B 168 -17.32 15.82 -4.61
CA THR B 168 -18.57 16.05 -5.33
C THR B 168 -19.19 14.71 -5.69
N VAL B 169 -20.52 14.66 -5.70
CA VAL B 169 -21.26 13.48 -6.14
C VAL B 169 -22.20 13.93 -7.25
N THR B 170 -21.94 13.48 -8.47
CA THR B 170 -22.82 13.73 -9.60
C THR B 170 -23.69 12.50 -9.84
N LEU B 171 -25.00 12.72 -9.96
CA LEU B 171 -25.95 11.64 -10.22
C LEU B 171 -26.20 11.47 -11.72
N ASP B 172 -26.27 10.23 -12.15
CA ASP B 172 -26.67 9.87 -13.52
C ASP B 172 -26.01 10.78 -14.55
N GLY B 173 -24.69 10.86 -14.48
CA GLY B 173 -23.95 11.70 -15.40
C GLY B 173 -22.51 11.80 -14.95
N ARG B 174 -21.67 12.30 -15.87
CA ARG B 174 -20.27 12.53 -15.53
C ARG B 174 -20.13 13.82 -14.74
N GLY B 175 -19.15 13.83 -13.82
CA GLY B 175 -18.94 14.94 -12.92
C GLY B 175 -17.78 15.80 -13.34
N PRO B 176 -17.53 16.91 -12.63
CA PRO B 176 -16.59 17.93 -13.14
C PRO B 176 -15.11 17.58 -13.04
N SER B 177 -14.73 16.54 -12.29
CA SER B 177 -13.31 16.15 -12.16
C SER B 177 -13.07 14.71 -12.63
N ARG B 178 -11.84 14.40 -13.01
CA ARG B 178 -11.51 13.04 -13.51
C ARG B 178 -10.79 12.22 -12.45
N VAL B 179 -10.85 12.63 -11.18
CA VAL B 179 -10.12 11.93 -10.15
C VAL B 179 -10.95 11.91 -8.87
N ILE B 180 -10.88 10.80 -8.16
CA ILE B 180 -11.43 10.67 -6.81
C ILE B 180 -10.41 9.88 -6.01
N SER B 181 -10.10 10.33 -4.80
CA SER B 181 -9.12 9.60 -4.03
C SER B 181 -9.76 8.32 -3.49
N LYS B 182 -8.94 7.29 -3.33
CA LYS B 182 -9.44 6.00 -2.87
C LYS B 182 -10.08 6.14 -1.49
N HIS B 183 -9.55 7.04 -0.66
CA HIS B 183 -10.13 7.29 0.66
C HIS B 183 -11.48 7.98 0.56
N ASP B 184 -11.62 8.94 -0.38
CA ASP B 184 -12.91 9.60 -0.56
C ASP B 184 -13.91 8.70 -1.25
N LEU B 185 -13.42 7.82 -2.12
CA LEU B 185 -14.29 6.84 -2.74
C LEU B 185 -14.83 5.86 -1.70
N GLY B 186 -13.94 5.35 -0.85
CA GLY B 186 -14.39 4.53 0.26
C GLY B 186 -15.37 5.27 1.17
N HIS B 187 -15.05 6.51 1.52
CA HIS B 187 -15.96 7.33 2.33
C HIS B 187 -17.35 7.38 1.70
N PHE B 188 -17.41 7.52 0.36
CA PHE B 188 -18.69 7.64 -0.31
C PHE B 188 -19.47 6.32 -0.31
N MET B 189 -18.80 5.18 -0.53
CA MET B 189 -19.48 3.89 -0.49
C MET B 189 -20.21 3.70 0.83
N LEU B 190 -19.58 4.12 1.94
CA LEU B 190 -20.22 4.00 3.25
C LEU B 190 -21.36 4.99 3.40
N ARG B 191 -21.18 6.22 2.90
CA ARG B 191 -22.28 7.19 2.93
C ARG B 191 -23.53 6.67 2.23
N CYS B 192 -23.35 5.84 1.20
CA CYS B 192 -24.49 5.29 0.47
C CYS B 192 -25.33 4.35 1.33
N LEU B 193 -24.78 3.87 2.45
CA LEU B 193 -25.54 3.01 3.33
C LEU B 193 -26.47 3.79 4.25
N THR B 194 -26.25 5.10 4.38
CA THR B 194 -26.97 5.98 5.28
C THR B 194 -28.18 6.64 4.62
N THR B 195 -28.46 6.30 3.37
CA THR B 195 -29.49 7.01 2.62
C THR B 195 -29.95 6.11 1.49
N ASP B 196 -31.18 6.36 1.03
CA ASP B 196 -31.73 5.68 -0.12
C ASP B 196 -31.81 6.60 -1.34
N GLU B 197 -31.31 7.83 -1.21
CA GLU B 197 -31.44 8.83 -2.27
C GLU B 197 -30.67 8.47 -3.53
N TYR B 198 -29.67 7.60 -3.43
CA TYR B 198 -28.88 7.17 -4.57
C TYR B 198 -29.39 5.87 -5.20
N ASP B 199 -30.28 5.15 -4.50
CA ASP B 199 -30.78 3.87 -4.98
C ASP B 199 -31.33 3.97 -6.39
N GLY B 200 -30.89 3.06 -7.26
CA GLY B 200 -31.30 3.07 -8.66
C GLY B 200 -30.69 4.17 -9.50
N HIS B 201 -29.63 4.79 -8.97
CA HIS B 201 -28.92 5.82 -9.75
C HIS B 201 -27.45 5.49 -9.95
N SER B 202 -26.87 6.07 -10.98
CA SER B 202 -25.39 6.01 -11.15
C SER B 202 -24.83 7.19 -10.33
N THR B 203 -23.69 6.98 -9.70
CA THR B 203 -23.09 8.01 -8.83
C THR B 203 -21.63 8.20 -9.26
N TYR B 204 -21.27 9.44 -9.58
CA TYR B 204 -19.92 9.73 -10.03
C TYR B 204 -19.29 10.63 -8.97
N PRO B 205 -18.45 10.08 -8.09
CA PRO B 205 -17.76 10.94 -7.12
C PRO B 205 -16.42 11.42 -7.66
N SER B 206 -16.15 12.71 -7.46
CA SER B 206 -14.92 13.29 -7.97
C SER B 206 -14.59 14.53 -7.14
N HIS B 207 -13.33 14.96 -7.22
CA HIS B 207 -12.88 16.09 -6.44
C HIS B 207 -11.66 16.70 -7.12
N GLN B 208 -11.28 17.88 -6.68
CA GLN B 208 -10.07 18.55 -7.18
C GLN B 208 -9.08 18.54 -6.03
N TYR B 209 -7.92 17.97 -6.26
CA TYR B 209 -6.90 17.85 -5.20
C TYR B 209 -5.66 18.67 -5.59
PA NAP C . 21.29 -6.91 2.03
O1A NAP C . 22.37 -7.45 2.89
O2A NAP C . 20.48 -8.08 1.29
O5B NAP C . 21.98 -6.03 0.87
C5B NAP C . 23.05 -5.25 1.41
C4B NAP C . 23.26 -4.04 0.50
O4B NAP C . 24.34 -3.23 1.00
C3B NAP C . 23.66 -4.51 -0.92
O3B NAP C . 23.09 -3.66 -1.92
C2B NAP C . 25.18 -4.30 -0.93
O2B NAP C . 25.64 -3.99 -2.24
C1B NAP C . 25.24 -3.00 -0.10
N9A NAP C . 26.61 -2.72 0.32
C8A NAP C . 27.38 -3.42 1.21
N7A NAP C . 28.56 -2.88 1.30
C5A NAP C . 28.63 -1.81 0.46
C6A NAP C . 29.61 -0.86 0.13
N6A NAP C . 30.87 -0.89 0.72
N1A NAP C . 29.31 0.07 -0.77
C2A NAP C . 28.13 0.14 -1.35
N3A NAP C . 27.18 -0.73 -1.07
C4A NAP C . 27.38 -1.70 -0.19
O3 NAP C . 20.35 -5.88 2.83
PN NAP C . 19.00 -6.46 3.49
O1N NAP C . 17.76 -5.91 2.73
O2N NAP C . 18.95 -7.99 3.56
O5D NAP C . 18.90 -5.90 5.00
C5D NAP C . 19.03 -4.48 4.99
C4D NAP C . 19.37 -4.02 6.41
O4D NAP C . 18.39 -4.56 7.34
C3D NAP C . 20.74 -4.62 6.81
O3D NAP C . 21.53 -3.64 7.49
C2D NAP C . 20.36 -5.78 7.75
O2D NAP C . 21.40 -6.00 8.71
C1D NAP C . 19.08 -5.25 8.41
N1N NAP C . 18.22 -6.31 8.97
C2N NAP C . 18.12 -7.50 8.40
C3N NAP C . 17.29 -8.48 8.95
C7N NAP C . 17.14 -9.83 8.35
O7N NAP C . 16.46 -10.66 8.91
N7N NAP C . 17.74 -10.16 7.18
C4N NAP C . 16.56 -8.17 10.11
C5N NAP C . 16.70 -6.92 10.67
C6N NAP C . 17.53 -6.01 10.06
P2B NAP C . 26.24 -5.30 -3.00
O1X NAP C . 25.19 -5.90 -3.84
O2X NAP C . 26.84 -6.38 -1.98
O3X NAP C . 27.45 -4.77 -3.93
PA NAP D . -8.22 -3.54 -6.64
O1A NAP D . -7.90 -4.02 -8.00
O2A NAP D . -7.00 -2.69 -6.02
O5B NAP D . -8.45 -4.78 -5.64
C5B NAP D . -9.28 -5.77 -6.23
C4B NAP D . -9.99 -6.56 -5.10
O4B NAP D . -10.82 -7.57 -5.69
C3B NAP D . -8.99 -7.28 -4.17
O3B NAP D . -9.47 -7.26 -2.81
C2B NAP D . -9.01 -8.72 -4.72
O2B NAP D . -8.72 -9.72 -3.74
C1B NAP D . -10.52 -8.81 -5.04
N9A NAP D . -10.76 -9.99 -5.87
C8A NAP D . -10.44 -10.16 -7.19
N7A NAP D . -10.79 -11.35 -7.58
C5A NAP D . -11.34 -12.03 -6.54
C6A NAP D . -11.89 -13.31 -6.37
N6A NAP D . -11.94 -14.21 -7.42
N1A NAP D . -12.36 -13.63 -5.16
C2A NAP D . -12.32 -12.79 -4.15
N3A NAP D . -11.82 -11.58 -4.26
C4A NAP D . -11.33 -11.16 -5.43
O3 NAP D . -9.61 -2.70 -6.72
PN NAP D . -9.51 -1.09 -6.81
O1N NAP D . -9.79 -0.50 -5.41
O2N NAP D . -8.17 -0.58 -7.36
O5D NAP D . -10.67 -0.58 -7.80
C5D NAP D . -11.93 -1.13 -7.42
C4D NAP D . -12.82 -1.15 -8.67
O4D NAP D . -12.84 0.17 -9.27
C3D NAP D . -12.22 -2.11 -9.73
O3D NAP D . -13.23 -2.97 -10.27
C2D NAP D . -11.64 -1.15 -10.80
O2D NAP D . -11.70 -1.74 -12.10
C1D NAP D . -12.58 0.07 -10.68
N1N NAP D . -11.98 1.32 -11.16
C2N NAP D . -10.68 1.53 -10.99
C3N NAP D . -10.08 2.73 -11.41
C7N NAP D . -8.64 2.97 -11.22
O7N NAP D . -8.18 4.05 -11.50
N7N NAP D . -7.85 2.00 -10.71
C4N NAP D . -10.88 3.70 -12.01
C5N NAP D . -12.24 3.45 -12.15
C6N NAP D . -12.74 2.23 -11.71
P2B NAP D . -7.14 -10.03 -3.70
O1X NAP D . -6.51 -9.14 -2.69
O2X NAP D . -6.48 -9.77 -5.13
O3X NAP D . -6.89 -11.57 -3.27
#